data_7TM8
#
_entry.id   7TM8
#
_cell.length_a   63.138
_cell.length_b   63.279
_cell.length_c   131.599
_cell.angle_alpha   90.000
_cell.angle_beta   90.000
_cell.angle_gamma   90.000
#
_symmetry.space_group_name_H-M   'P 21 21 21'
#
loop_
_entity.id
_entity.type
_entity.pdbx_description
1 polymer 'Bifunctional adenosylcobalamin biosynthesis protein'
2 non-polymer 'SULFATE ION'
3 water water
#
_entity_poly.entity_id   1
_entity_poly.type   'polypeptide(L)'
_entity_poly.pdbx_seq_one_letter_code
;MAHHHHHHMLTLVTGGARSGKSRHAEALIADAPQVLYIATSQIFDDEMAARIQHHRDGRPAHWRTAERWQQLDELITPAI
APEEAILLECITTMVTNLLFALGGDSDPDGWDYAAMERAIDDEIGVLIAACQRCPAHVVLVTNEVGMGIVPENRLARHFR
DIAGRVNQRLAAAADAVWLVVSGIGVKIK
;
_entity_poly.pdbx_strand_id   A,B,C
#
# COMPACT_ATOMS: atom_id res chain seq x y z
N HIS A 7 7.32 -17.29 -22.64
CA HIS A 7 7.24 -17.37 -24.09
C HIS A 7 5.98 -16.68 -24.56
N HIS A 8 6.14 -15.60 -25.34
CA HIS A 8 5.02 -14.76 -25.77
C HIS A 8 4.16 -14.38 -24.57
N MET A 9 4.84 -13.93 -23.51
CA MET A 9 4.19 -13.61 -22.25
C MET A 9 4.84 -12.36 -21.66
N LEU A 10 4.00 -11.54 -21.02
CA LEU A 10 4.44 -10.32 -20.34
C LEU A 10 3.95 -10.38 -18.91
N THR A 11 4.87 -10.28 -17.95
CA THR A 11 4.52 -10.27 -16.53
C THR A 11 4.95 -8.94 -15.93
N LEU A 12 4.06 -8.34 -15.14
CA LEU A 12 4.37 -7.15 -14.34
C LEU A 12 4.45 -7.53 -12.86
N VAL A 13 5.52 -7.15 -12.18
CA VAL A 13 5.71 -7.40 -10.75
C VAL A 13 5.79 -6.03 -10.07
N THR A 14 4.90 -5.79 -9.10
CA THR A 14 4.87 -4.50 -8.42
C THR A 14 4.88 -4.74 -6.91
N GLY A 15 5.26 -3.69 -6.19
CA GLY A 15 5.37 -3.75 -4.74
C GLY A 15 6.05 -2.49 -4.24
N GLY A 16 6.11 -2.37 -2.92
CA GLY A 16 6.76 -1.22 -2.32
C GLY A 16 8.28 -1.35 -2.26
N ALA A 17 8.89 -0.37 -1.62
CA ALA A 17 10.34 -0.37 -1.41
C ALA A 17 10.75 -1.52 -0.48
N ARG A 18 11.76 -2.30 -0.90
CA ARG A 18 12.25 -3.44 -0.12
C ARG A 18 11.09 -4.35 0.25
N SER A 19 10.29 -4.67 -0.77
CA SER A 19 9.16 -5.58 -0.63
C SER A 19 9.51 -7.00 -1.05
N GLY A 20 10.70 -7.23 -1.58
CA GLY A 20 11.05 -8.51 -2.14
C GLY A 20 10.63 -8.68 -3.57
N LYS A 21 10.24 -7.61 -4.25
CA LYS A 21 9.73 -7.80 -5.61
C LYS A 21 10.84 -8.23 -6.57
N SER A 22 12.08 -7.78 -6.37
CA SER A 22 13.16 -8.25 -7.23
C SER A 22 13.44 -9.74 -7.04
N ARG A 23 13.50 -10.21 -5.79
CA ARG A 23 13.68 -11.64 -5.54
C ARG A 23 12.55 -12.46 -6.17
N HIS A 24 11.32 -11.95 -6.14
CA HIS A 24 10.20 -12.64 -6.73
C HIS A 24 10.33 -12.71 -8.25
N ALA A 25 10.69 -11.59 -8.87
CA ALA A 25 10.88 -11.58 -10.32
C ALA A 25 12.01 -12.51 -10.74
N GLU A 26 13.12 -12.53 -9.98
CA GLU A 26 14.21 -13.45 -10.29
C GLU A 26 13.76 -14.91 -10.17
N ALA A 27 12.89 -15.21 -9.21
CA ALA A 27 12.36 -16.57 -9.08
C ALA A 27 11.52 -16.95 -10.29
N LEU A 28 10.74 -15.99 -10.81
CA LEU A 28 9.92 -16.27 -12.00
C LEU A 28 10.75 -16.75 -13.18
N ILE A 29 11.99 -16.27 -13.31
CA ILE A 29 12.83 -16.58 -14.46
C ILE A 29 14.00 -17.49 -14.12
N ALA A 30 14.04 -18.03 -12.91
CA ALA A 30 15.23 -18.77 -12.47
C ALA A 30 15.52 -20.02 -13.30
N ASP A 31 14.55 -20.55 -14.05
CA ASP A 31 14.78 -21.74 -14.85
C ASP A 31 15.13 -21.42 -16.30
N ALA A 32 15.17 -20.16 -16.68
CA ALA A 32 15.53 -19.80 -18.05
C ALA A 32 16.98 -20.17 -18.32
N PRO A 33 17.28 -20.84 -19.44
CA PRO A 33 18.68 -21.16 -19.76
C PRO A 33 19.57 -19.94 -19.86
N GLN A 34 18.99 -18.82 -20.31
CA GLN A 34 19.72 -17.54 -20.42
C GLN A 34 18.81 -16.38 -20.07
N VAL A 35 19.42 -15.28 -19.66
CA VAL A 35 18.66 -14.12 -19.22
C VAL A 35 19.30 -12.86 -19.79
N LEU A 36 18.48 -11.96 -20.33
CA LEU A 36 18.89 -10.61 -20.63
C LEU A 36 18.34 -9.72 -19.52
N TYR A 37 19.23 -9.08 -18.77
CA TYR A 37 18.85 -8.15 -17.72
C TYR A 37 18.99 -6.72 -18.23
N ILE A 38 17.88 -5.99 -18.26
CA ILE A 38 17.86 -4.59 -18.67
C ILE A 38 17.83 -3.74 -17.42
N ALA A 39 18.96 -3.11 -17.09
CA ALA A 39 19.04 -2.22 -15.94
C ALA A 39 18.74 -0.79 -16.37
N THR A 40 17.85 -0.13 -15.64
CA THR A 40 17.48 1.22 -16.03
C THR A 40 18.28 2.23 -15.22
N GLY A 58 27.24 -7.77 -10.06
CA GLY A 58 27.58 -9.17 -10.28
C GLY A 58 26.38 -10.06 -10.53
N ARG A 59 26.13 -10.37 -11.80
CA ARG A 59 25.04 -11.24 -12.21
C ARG A 59 25.58 -12.58 -12.70
N PRO A 60 24.77 -13.64 -12.65
CA PRO A 60 25.26 -14.98 -13.01
C PRO A 60 25.81 -15.04 -14.43
N ALA A 61 26.54 -16.13 -14.70
CA ALA A 61 27.24 -16.28 -15.97
C ALA A 61 26.28 -16.30 -17.14
N HIS A 62 25.15 -17.00 -17.01
CA HIS A 62 24.16 -17.13 -18.08
C HIS A 62 23.30 -15.88 -18.22
N TRP A 63 23.61 -14.81 -17.49
CA TRP A 63 22.98 -13.51 -17.66
C TRP A 63 23.86 -12.62 -18.51
N ARG A 64 23.25 -11.82 -19.37
CA ARG A 64 23.91 -10.69 -19.99
C ARG A 64 23.14 -9.44 -19.63
N THR A 65 23.86 -8.34 -19.45
CA THR A 65 23.27 -7.11 -18.94
C THR A 65 23.36 -5.99 -19.97
N ALA A 66 22.31 -5.17 -20.00
CA ALA A 66 22.22 -3.99 -20.83
C ALA A 66 21.69 -2.86 -19.99
N GLU A 67 22.26 -1.67 -20.14
CA GLU A 67 21.79 -0.48 -19.43
C GLU A 67 20.98 0.34 -20.42
N ARG A 68 19.69 0.48 -20.16
CA ARG A 68 18.85 1.12 -21.17
C ARG A 68 17.53 1.50 -20.53
N TRP A 69 17.04 2.70 -20.86
CA TRP A 69 15.74 3.13 -20.37
C TRP A 69 14.98 3.96 -21.40
N GLN A 70 15.33 3.84 -22.68
CA GLN A 70 14.60 4.47 -23.76
C GLN A 70 14.76 3.63 -25.02
N GLN A 71 13.81 3.80 -25.93
CA GLN A 71 13.79 3.14 -27.23
C GLN A 71 14.02 1.65 -27.10
N LEU A 72 13.20 1.02 -26.24
CA LEU A 72 13.47 -0.34 -25.81
C LEU A 72 13.18 -1.39 -26.87
N ASP A 73 12.55 -1.02 -27.98
CA ASP A 73 12.39 -1.96 -29.07
C ASP A 73 13.73 -2.28 -29.76
N GLU A 74 14.78 -1.52 -29.45
CA GLU A 74 16.11 -1.83 -29.97
C GLU A 74 16.76 -2.99 -29.23
N LEU A 75 16.33 -3.28 -28.01
CA LEU A 75 16.81 -4.45 -27.25
C LEU A 75 15.80 -5.58 -27.19
N ILE A 76 14.51 -5.28 -27.12
CA ILE A 76 13.46 -6.29 -27.00
C ILE A 76 12.92 -6.47 -28.42
N THR A 77 13.46 -7.44 -29.13
CA THR A 77 13.29 -7.53 -30.57
C THR A 77 12.72 -8.89 -30.95
N PRO A 78 12.18 -9.04 -32.17
CA PRO A 78 11.72 -10.36 -32.59
C PRO A 78 12.85 -11.38 -32.74
N ALA A 79 14.10 -10.95 -32.72
CA ALA A 79 15.25 -11.84 -32.88
C ALA A 79 15.75 -12.45 -31.57
N ILE A 80 15.16 -12.08 -30.43
CA ILE A 80 15.58 -12.62 -29.15
C ILE A 80 15.34 -14.13 -29.12
N ALA A 81 16.29 -14.88 -28.57
CA ALA A 81 16.11 -16.32 -28.46
C ALA A 81 14.87 -16.60 -27.61
N PRO A 82 13.96 -17.46 -28.07
CA PRO A 82 12.75 -17.73 -27.27
C PRO A 82 13.03 -18.20 -25.84
N GLU A 83 14.18 -18.85 -25.58
CA GLU A 83 14.45 -19.32 -24.25
C GLU A 83 15.14 -18.29 -23.36
N GLU A 84 15.50 -17.12 -23.89
CA GLU A 84 16.15 -16.07 -23.12
C GLU A 84 15.07 -15.22 -22.45
N ALA A 85 14.91 -15.37 -21.14
CA ALA A 85 14.00 -14.48 -20.42
C ALA A 85 14.59 -13.08 -20.35
N ILE A 86 13.71 -12.08 -20.35
CA ILE A 86 14.10 -10.67 -20.26
C ILE A 86 13.56 -10.12 -18.95
N LEU A 87 14.44 -9.56 -18.14
CA LEU A 87 14.06 -8.96 -16.87
C LEU A 87 14.42 -7.48 -16.91
N LEU A 88 13.43 -6.61 -16.72
CA LEU A 88 13.70 -5.18 -16.68
C LEU A 88 13.53 -4.67 -15.27
N GLU A 89 14.57 -4.01 -14.74
CA GLU A 89 14.50 -3.37 -13.43
C GLU A 89 15.05 -1.96 -13.58
N CYS A 90 14.22 -0.93 -13.36
CA CYS A 90 12.79 -1.04 -13.06
C CYS A 90 12.04 0.14 -13.71
N ILE A 91 10.72 0.00 -13.83
CA ILE A 91 9.93 0.97 -14.57
C ILE A 91 9.96 2.33 -13.90
N THR A 92 9.89 2.35 -12.56
CA THR A 92 9.93 3.60 -11.79
C THR A 92 11.15 4.46 -12.15
N THR A 93 12.33 3.83 -12.17
CA THR A 93 13.57 4.54 -12.47
C THR A 93 13.64 4.94 -13.94
N MET A 94 13.05 4.14 -14.82
CA MET A 94 12.92 4.57 -16.21
C MET A 94 12.16 5.88 -16.28
N VAL A 95 11.03 5.97 -15.57
CA VAL A 95 10.23 7.20 -15.59
C VAL A 95 11.06 8.37 -15.06
N THR A 96 11.75 8.17 -13.92
CA THR A 96 12.56 9.24 -13.35
C THR A 96 13.66 9.67 -14.32
N ASN A 97 14.30 8.68 -14.97
CA ASN A 97 15.38 9.03 -15.91
C ASN A 97 14.85 9.81 -17.09
N LEU A 98 13.66 9.46 -17.58
CA LEU A 98 13.09 10.23 -18.68
C LEU A 98 12.75 11.65 -18.26
N LEU A 99 12.19 11.82 -17.05
CA LEU A 99 11.90 13.16 -16.56
C LEU A 99 13.15 14.03 -16.50
N PHE A 100 14.23 13.50 -15.93
CA PHE A 100 15.45 14.30 -15.81
C PHE A 100 16.18 14.46 -17.13
N ALA A 101 16.04 13.51 -18.05
CA ALA A 101 16.57 13.74 -19.40
C ALA A 101 15.88 14.93 -20.07
N LEU A 102 14.55 15.00 -19.94
CA LEU A 102 13.79 16.08 -20.55
C LEU A 102 13.97 17.39 -19.79
N GLY A 103 14.13 17.33 -18.48
CA GLY A 103 14.25 18.53 -17.67
C GLY A 103 15.66 19.06 -17.56
N GLY A 104 16.65 18.22 -17.82
CA GLY A 104 18.03 18.66 -17.69
C GLY A 104 18.36 19.00 -16.23
N ASP A 105 19.16 20.05 -16.05
CA ASP A 105 19.53 20.54 -14.73
C ASP A 105 18.56 21.58 -14.19
N SER A 106 17.55 21.96 -14.97
CA SER A 106 16.65 23.03 -14.56
C SER A 106 15.88 22.63 -13.30
N ASP A 107 15.37 23.64 -12.62
CA ASP A 107 14.58 23.46 -11.41
C ASP A 107 13.33 22.64 -11.72
N PRO A 108 13.14 21.46 -11.13
CA PRO A 108 11.94 20.65 -11.44
C PRO A 108 10.63 21.35 -11.13
N ASP A 109 10.62 22.38 -10.28
CA ASP A 109 9.37 23.10 -10.02
C ASP A 109 8.76 23.64 -11.30
N GLY A 110 9.59 23.93 -12.30
CA GLY A 110 9.13 24.58 -13.51
C GLY A 110 8.88 23.67 -14.67
N TRP A 111 9.11 22.36 -14.52
CA TRP A 111 8.93 21.43 -15.63
C TRP A 111 7.48 21.40 -16.12
N ASP A 112 7.31 21.27 -17.43
CA ASP A 112 5.99 21.05 -18.04
C ASP A 112 5.69 19.56 -17.97
N TYR A 113 5.02 19.16 -16.88
CA TYR A 113 4.79 17.73 -16.66
C TYR A 113 3.80 17.14 -17.65
N ALA A 114 2.88 17.94 -18.18
CA ALA A 114 2.00 17.45 -19.23
C ALA A 114 2.78 17.03 -20.47
N ALA A 115 3.69 17.90 -20.93
CA ALA A 115 4.49 17.56 -22.11
C ALA A 115 5.42 16.39 -21.81
N MET A 116 5.94 16.34 -20.59
CA MET A 116 6.87 15.28 -20.21
C MET A 116 6.15 13.93 -20.18
N GLU A 117 4.90 13.91 -19.70
CA GLU A 117 4.16 12.66 -19.67
C GLU A 117 3.82 12.19 -21.08
N ARG A 118 3.60 13.11 -22.02
CA ARG A 118 3.38 12.69 -23.41
C ARG A 118 4.62 11.98 -23.96
N ALA A 119 5.80 12.49 -23.64
CA ALA A 119 7.03 11.83 -24.07
C ALA A 119 7.17 10.45 -23.44
N ILE A 120 6.86 10.34 -22.14
CA ILE A 120 6.94 9.05 -21.46
C ILE A 120 5.92 8.08 -22.04
N ASP A 121 4.72 8.57 -22.39
CA ASP A 121 3.71 7.70 -23.00
C ASP A 121 4.22 7.10 -24.30
N ASP A 122 4.99 7.87 -25.07
CA ASP A 122 5.58 7.34 -26.30
C ASP A 122 6.56 6.22 -25.99
N GLU A 123 7.43 6.41 -24.99
CA GLU A 123 8.41 5.37 -24.66
C GLU A 123 7.73 4.11 -24.12
N ILE A 124 6.69 4.27 -23.30
CA ILE A 124 5.97 3.10 -22.78
C ILE A 124 5.22 2.38 -23.89
N GLY A 125 4.70 3.13 -24.87
CA GLY A 125 4.03 2.48 -25.99
C GLY A 125 5.00 1.70 -26.86
N VAL A 126 6.21 2.23 -27.06
CA VAL A 126 7.26 1.49 -27.74
C VAL A 126 7.59 0.21 -26.96
N LEU A 127 7.70 0.32 -25.63
CA LEU A 127 7.99 -0.85 -24.81
C LEU A 127 6.91 -1.91 -24.99
N ILE A 128 5.63 -1.51 -24.92
CA ILE A 128 4.52 -2.47 -24.99
C ILE A 128 4.47 -3.12 -26.37
N ALA A 129 4.63 -2.32 -27.43
CA ALA A 129 4.61 -2.89 -28.79
C ALA A 129 5.77 -3.86 -28.99
N ALA A 130 6.93 -3.55 -28.40
CA ALA A 130 8.07 -4.43 -28.56
C ALA A 130 7.83 -5.76 -27.86
N CYS A 131 7.25 -5.73 -26.65
CA CYS A 131 6.99 -6.99 -25.94
C CYS A 131 6.02 -7.85 -26.72
N GLN A 132 5.03 -7.21 -27.36
CA GLN A 132 4.03 -7.96 -28.10
C GLN A 132 4.63 -8.69 -29.28
N ARG A 133 5.75 -8.22 -29.82
CA ARG A 133 6.38 -8.81 -31.00
CA ARG A 133 6.37 -8.82 -31.00
C ARG A 133 7.60 -9.66 -30.67
N CYS A 134 7.94 -9.80 -29.37
CA CYS A 134 9.11 -10.57 -28.92
C CYS A 134 8.70 -11.97 -28.47
N PRO A 135 9.41 -13.03 -28.85
CA PRO A 135 8.99 -14.37 -28.45
C PRO A 135 9.41 -14.77 -27.05
N ALA A 136 10.20 -13.96 -26.35
CA ALA A 136 10.67 -14.33 -25.03
C ALA A 136 9.67 -13.92 -23.95
N HIS A 137 9.77 -14.56 -22.79
CA HIS A 137 9.06 -14.08 -21.60
C HIS A 137 9.73 -12.80 -21.11
N VAL A 138 8.93 -11.75 -20.94
CA VAL A 138 9.40 -10.47 -20.45
C VAL A 138 8.80 -10.23 -19.07
N VAL A 139 9.65 -9.91 -18.09
CA VAL A 139 9.21 -9.58 -16.74
C VAL A 139 9.62 -8.14 -16.48
N LEU A 140 8.65 -7.28 -16.16
CA LEU A 140 8.91 -5.88 -15.81
C LEU A 140 8.67 -5.68 -14.32
N VAL A 141 9.64 -5.10 -13.62
CA VAL A 141 9.49 -4.78 -12.19
C VAL A 141 9.16 -3.29 -12.06
N THR A 142 8.17 -2.97 -11.21
CA THR A 142 7.82 -1.58 -10.98
C THR A 142 7.53 -1.40 -9.49
N ASN A 143 7.31 -0.15 -9.08
CA ASN A 143 7.05 0.18 -7.69
C ASN A 143 5.65 0.77 -7.49
N GLU A 144 5.07 0.43 -6.33
CA GLU A 144 3.87 1.10 -5.82
C GLU A 144 4.33 2.31 -5.02
N VAL A 145 3.95 3.51 -5.44
CA VAL A 145 4.40 4.74 -4.80
C VAL A 145 3.24 5.63 -4.39
N GLY A 146 2.02 5.12 -4.49
CA GLY A 146 0.86 5.98 -4.31
C GLY A 146 0.00 5.80 -3.08
N MET A 147 0.45 5.01 -2.10
CA MET A 147 -0.38 4.80 -0.91
C MET A 147 0.13 5.52 0.33
N GLY A 148 0.89 6.59 0.16
CA GLY A 148 1.21 7.54 1.22
C GLY A 148 0.38 8.80 1.12
N ILE A 149 0.91 9.90 1.71
CA ILE A 149 0.20 11.17 1.72
CA ILE A 149 0.25 11.19 1.74
C ILE A 149 0.67 12.01 0.52
N VAL A 150 -0.18 12.96 0.12
CA VAL A 150 0.15 13.83 -1.01
C VAL A 150 1.48 14.54 -0.75
N PRO A 151 2.45 14.41 -1.64
CA PRO A 151 3.77 15.03 -1.39
C PRO A 151 3.68 16.55 -1.37
N GLU A 152 4.59 17.16 -0.62
CA GLU A 152 4.68 18.62 -0.60
C GLU A 152 5.49 19.16 -1.77
N ASN A 153 6.35 18.32 -2.33
CA ASN A 153 7.23 18.70 -3.42
C ASN A 153 6.53 18.49 -4.75
N ARG A 154 6.65 19.46 -5.67
CA ARG A 154 5.89 19.42 -6.92
C ARG A 154 6.30 18.25 -7.80
N LEU A 155 7.61 18.05 -7.97
CA LEU A 155 8.09 16.90 -8.74
C LEU A 155 7.54 15.59 -8.18
N ALA A 156 7.62 15.41 -6.86
CA ALA A 156 7.13 14.17 -6.25
C ALA A 156 5.64 13.97 -6.50
N ARG A 157 4.84 15.04 -6.42
CA ARG A 157 3.41 14.95 -6.69
C ARG A 157 3.14 14.45 -8.10
N HIS A 158 3.79 15.08 -9.10
CA HIS A 158 3.59 14.68 -10.47
C HIS A 158 4.16 13.30 -10.75
N PHE A 159 5.34 12.98 -10.20
CA PHE A 159 5.90 11.66 -10.41
C PHE A 159 4.96 10.58 -9.91
N ARG A 160 4.38 10.77 -8.72
CA ARG A 160 3.45 9.80 -8.16
C ARG A 160 2.27 9.57 -9.11
N ASP A 161 1.74 10.65 -9.71
CA ASP A 161 0.63 10.51 -10.63
C ASP A 161 1.04 9.81 -11.93
N ILE A 162 2.15 10.25 -12.52
CA ILE A 162 2.63 9.64 -13.76
C ILE A 162 2.95 8.16 -13.55
N ALA A 163 3.65 7.83 -12.46
CA ALA A 163 3.99 6.43 -12.20
C ALA A 163 2.74 5.57 -12.06
N GLY A 164 1.70 6.10 -11.39
CA GLY A 164 0.47 5.35 -11.24
C GLY A 164 -0.20 5.06 -12.58
N ARG A 165 -0.26 6.07 -13.45
CA ARG A 165 -0.86 5.89 -14.77
C ARG A 165 -0.04 4.92 -15.61
N VAL A 166 1.29 5.04 -15.56
CA VAL A 166 2.14 4.11 -16.32
C VAL A 166 1.91 2.67 -15.86
N ASN A 167 1.82 2.46 -14.54
CA ASN A 167 1.63 1.10 -14.04
C ASN A 167 0.27 0.53 -14.44
N GLN A 168 -0.77 1.38 -14.50
CA GLN A 168 -2.07 0.92 -14.98
C GLN A 168 -1.98 0.42 -16.42
N ARG A 169 -1.27 1.18 -17.26
CA ARG A 169 -1.16 0.84 -18.67
C ARG A 169 -0.40 -0.47 -18.85
N LEU A 170 0.70 -0.64 -18.11
CA LEU A 170 1.47 -1.88 -18.22
C LEU A 170 0.68 -3.08 -17.69
N ALA A 171 -0.06 -2.89 -16.61
CA ALA A 171 -0.86 -3.97 -16.04
C ALA A 171 -1.93 -4.43 -17.03
N ALA A 172 -2.52 -3.49 -17.77
CA ALA A 172 -3.54 -3.85 -18.74
C ALA A 172 -2.95 -4.64 -19.90
N ALA A 173 -1.72 -4.30 -20.30
CA ALA A 173 -1.04 -5.03 -21.38
C ALA A 173 -0.50 -6.39 -20.92
N ALA A 174 -0.18 -6.53 -19.64
CA ALA A 174 0.45 -7.74 -19.12
C ALA A 174 -0.51 -8.93 -19.12
N ASP A 175 0.04 -10.12 -19.32
CA ASP A 175 -0.72 -11.35 -19.17
C ASP A 175 -0.88 -11.75 -17.71
N ALA A 176 0.12 -11.46 -16.88
CA ALA A 176 0.13 -11.77 -15.46
C ALA A 176 0.60 -10.54 -14.69
N VAL A 177 0.01 -10.30 -13.51
CA VAL A 177 0.39 -9.21 -12.62
C VAL A 177 0.53 -9.77 -11.21
N TRP A 178 1.70 -9.56 -10.60
CA TRP A 178 1.95 -9.95 -9.21
C TRP A 178 2.12 -8.70 -8.35
N LEU A 179 1.45 -8.67 -7.21
CA LEU A 179 1.75 -7.69 -6.15
C LEU A 179 2.53 -8.42 -5.06
N VAL A 180 3.71 -7.89 -4.69
CA VAL A 180 4.56 -8.55 -3.70
C VAL A 180 4.51 -7.71 -2.43
N VAL A 181 4.12 -8.34 -1.31
CA VAL A 181 3.97 -7.66 -0.01
C VAL A 181 4.78 -8.42 1.02
N SER A 182 5.75 -7.75 1.66
CA SER A 182 6.60 -8.38 2.68
C SER A 182 7.18 -9.70 2.16
N GLY A 183 7.55 -9.69 0.89
CA GLY A 183 8.19 -10.85 0.29
C GLY A 183 7.23 -11.89 -0.26
N ILE A 184 5.92 -11.73 -0.06
CA ILE A 184 4.91 -12.72 -0.44
C ILE A 184 4.27 -12.28 -1.74
N GLY A 185 4.32 -13.14 -2.77
CA GLY A 185 3.67 -12.82 -4.03
C GLY A 185 2.17 -13.07 -3.99
N VAL A 186 1.40 -12.12 -4.50
CA VAL A 186 -0.05 -12.23 -4.63
C VAL A 186 -0.37 -12.06 -6.11
N LYS A 187 -0.87 -13.10 -6.77
CA LYS A 187 -1.16 -13.00 -8.19
C LYS A 187 -2.54 -12.36 -8.36
N ILE A 188 -2.58 -11.16 -8.91
CA ILE A 188 -3.83 -10.41 -9.03
C ILE A 188 -4.36 -10.36 -10.46
N LYS A 189 -3.55 -10.75 -11.44
CA LYS A 189 -4.03 -10.99 -12.80
C LYS A 189 -3.31 -12.23 -13.33
N HIS B 6 -27.37 -4.51 -8.92
CA HIS B 6 -27.57 -4.65 -7.48
C HIS B 6 -28.29 -3.44 -6.89
N HIS B 7 -29.36 -3.68 -6.14
CA HIS B 7 -30.07 -2.63 -5.42
C HIS B 7 -29.78 -2.78 -3.93
N HIS B 8 -29.96 -1.68 -3.20
CA HIS B 8 -29.76 -1.64 -1.73
C HIS B 8 -28.39 -2.19 -1.37
N MET B 9 -27.38 -1.79 -2.14
CA MET B 9 -26.01 -2.24 -1.96
C MET B 9 -25.09 -1.07 -1.68
N LEU B 10 -24.08 -1.31 -0.85
CA LEU B 10 -23.02 -0.34 -0.63
C LEU B 10 -21.68 -0.99 -0.97
N THR B 11 -20.94 -0.40 -1.90
CA THR B 11 -19.59 -0.86 -2.24
C THR B 11 -18.57 0.23 -1.91
N LEU B 12 -17.46 -0.20 -1.30
CA LEU B 12 -16.30 0.66 -1.08
C LEU B 12 -15.19 0.26 -2.04
N VAL B 13 -14.61 1.23 -2.72
CA VAL B 13 -13.49 1.04 -3.63
C VAL B 13 -12.33 1.85 -3.08
N THR B 14 -11.21 1.17 -2.75
CA THR B 14 -10.02 1.84 -2.22
C THR B 14 -8.79 1.50 -3.04
N GLY B 15 -7.74 2.27 -2.82
CA GLY B 15 -6.52 2.15 -3.61
C GLY B 15 -5.68 3.40 -3.46
N GLY B 16 -4.48 3.34 -4.06
CA GLY B 16 -3.57 4.49 -4.04
C GLY B 16 -3.93 5.58 -5.04
N ALA B 17 -3.11 6.62 -5.03
CA ALA B 17 -3.25 7.70 -5.99
C ALA B 17 -3.02 7.18 -7.40
N ARG B 18 -3.92 7.53 -8.32
CA ARG B 18 -3.82 7.11 -9.71
C ARG B 18 -3.61 5.60 -9.80
N SER B 19 -4.49 4.86 -9.12
CA SER B 19 -4.47 3.41 -9.15
C SER B 19 -5.53 2.84 -10.06
N GLY B 20 -6.34 3.69 -10.70
CA GLY B 20 -7.44 3.21 -11.50
C GLY B 20 -8.71 2.95 -10.74
N LYS B 21 -8.90 3.53 -9.54
CA LYS B 21 -10.11 3.21 -8.80
CA LYS B 21 -10.10 3.31 -8.74
C LYS B 21 -11.35 3.81 -9.44
N SER B 22 -11.24 5.00 -9.99
CA SER B 22 -12.38 5.61 -10.66
CA SER B 22 -12.40 5.61 -10.65
C SER B 22 -12.84 4.76 -11.84
N ARG B 23 -11.90 4.30 -12.65
CA ARG B 23 -12.23 3.44 -13.78
C ARG B 23 -12.86 2.14 -13.31
N HIS B 24 -12.34 1.56 -12.22
CA HIS B 24 -12.93 0.33 -11.70
C HIS B 24 -14.35 0.57 -11.20
N ALA B 25 -14.57 1.69 -10.49
CA ALA B 25 -15.91 2.00 -10.00
C ALA B 25 -16.89 2.21 -11.14
N GLU B 26 -16.45 2.87 -12.21
CA GLU B 26 -17.29 3.03 -13.40
C GLU B 26 -17.70 1.67 -13.94
N ALA B 27 -16.76 0.74 -14.00
CA ALA B 27 -17.07 -0.60 -14.49
C ALA B 27 -18.12 -1.28 -13.65
N LEU B 28 -18.11 -1.03 -12.34
CA LEU B 28 -19.07 -1.67 -11.46
C LEU B 28 -20.50 -1.23 -11.76
N ILE B 29 -20.68 0.01 -12.21
CA ILE B 29 -22.01 0.58 -12.41
C ILE B 29 -22.31 0.80 -13.90
N ALA B 30 -21.57 0.17 -14.80
CA ALA B 30 -21.72 0.47 -16.22
C ALA B 30 -23.09 0.09 -16.78
N ASP B 31 -23.84 -0.75 -16.07
CA ASP B 31 -25.15 -1.19 -16.52
C ASP B 31 -26.30 -0.46 -15.83
N ALA B 32 -26.01 0.56 -15.03
CA ALA B 32 -27.08 1.35 -14.44
C ALA B 32 -27.65 2.31 -15.48
N PRO B 33 -28.98 2.37 -15.64
CA PRO B 33 -29.54 3.31 -16.63
C PRO B 33 -29.35 4.76 -16.24
N GLN B 34 -29.30 5.02 -14.94
CA GLN B 34 -29.11 6.40 -14.43
C GLN B 34 -28.04 6.40 -13.34
N VAL B 35 -27.20 7.43 -13.33
CA VAL B 35 -26.15 7.54 -12.34
C VAL B 35 -26.12 8.96 -11.79
N LEU B 36 -26.03 9.08 -10.46
CA LEU B 36 -25.73 10.34 -9.81
C LEU B 36 -24.27 10.32 -9.40
N TYR B 37 -23.48 11.28 -9.92
CA TYR B 37 -22.07 11.41 -9.57
C TYR B 37 -21.91 12.55 -8.57
N ILE B 38 -21.40 12.25 -7.39
CA ILE B 38 -21.20 13.25 -6.33
C ILE B 38 -19.71 13.54 -6.24
N ALA B 39 -19.32 14.75 -6.62
CA ALA B 39 -17.94 15.20 -6.56
C ALA B 39 -17.73 15.99 -5.28
N THR B 40 -16.70 15.63 -4.52
CA THR B 40 -16.44 16.27 -3.24
C THR B 40 -15.39 17.36 -3.31
N SER B 41 -14.70 17.49 -4.45
CA SER B 41 -13.64 18.50 -4.57
C SER B 41 -14.23 19.90 -4.59
N ARG B 59 -16.66 12.23 -18.26
CA ARG B 59 -17.71 11.45 -17.61
C ARG B 59 -18.85 11.19 -18.57
N PRO B 60 -19.46 10.00 -18.48
CA PRO B 60 -20.58 9.67 -19.38
C PRO B 60 -21.67 10.73 -19.37
N ALA B 61 -22.25 10.97 -20.56
CA ALA B 61 -23.18 12.09 -20.72
C ALA B 61 -24.43 11.92 -19.88
N HIS B 62 -24.87 10.68 -19.67
CA HIS B 62 -26.13 10.47 -18.98
C HIS B 62 -26.00 10.66 -17.47
N TRP B 63 -24.78 10.66 -16.94
CA TRP B 63 -24.59 10.94 -15.51
C TRP B 63 -25.05 12.36 -15.17
N ARG B 64 -25.67 12.49 -14.01
CA ARG B 64 -25.95 13.81 -13.45
CA ARG B 64 -25.95 13.81 -13.46
C ARG B 64 -25.00 14.06 -12.29
N THR B 65 -24.51 15.28 -12.20
CA THR B 65 -23.46 15.62 -11.26
C THR B 65 -23.99 16.53 -10.16
N ALA B 66 -23.45 16.33 -8.96
CA ALA B 66 -23.63 17.24 -7.85
C ALA B 66 -22.26 17.46 -7.20
N GLU B 67 -22.10 18.63 -6.60
CA GLU B 67 -20.90 18.98 -5.85
C GLU B 67 -21.30 19.14 -4.39
N ARG B 68 -20.79 18.25 -3.55
CA ARG B 68 -21.26 18.21 -2.17
C ARG B 68 -20.29 17.38 -1.38
N TRP B 69 -20.02 17.78 -0.14
CA TRP B 69 -19.23 16.95 0.75
C TRP B 69 -19.76 17.00 2.17
N GLN B 70 -20.95 17.53 2.37
CA GLN B 70 -21.62 17.60 3.67
C GLN B 70 -23.11 17.37 3.46
N GLN B 71 -23.77 16.92 4.54
CA GLN B 71 -25.25 16.75 4.51
C GLN B 71 -25.61 15.94 3.26
N LEU B 72 -25.00 14.78 3.16
CA LEU B 72 -25.15 14.02 1.94
C LEU B 72 -26.50 13.32 1.84
N ASP B 73 -27.27 13.30 2.93
CA ASP B 73 -28.63 12.76 2.87
C ASP B 73 -29.56 13.60 2.03
N GLU B 74 -29.18 14.82 1.63
CA GLU B 74 -30.01 15.58 0.70
C GLU B 74 -29.91 15.06 -0.72
N LEU B 75 -28.85 14.31 -1.05
CA LEU B 75 -28.63 13.73 -2.36
C LEU B 75 -28.89 12.23 -2.39
N ILE B 76 -28.48 11.51 -1.35
CA ILE B 76 -28.63 10.06 -1.28
C ILE B 76 -29.93 9.82 -0.52
N THR B 77 -31.05 9.69 -1.26
CA THR B 77 -32.38 9.75 -0.68
C THR B 77 -33.16 8.45 -0.90
N PRO B 78 -34.22 8.23 -0.13
CA PRO B 78 -35.09 7.07 -0.40
C PRO B 78 -35.79 7.11 -1.74
N ALA B 79 -35.99 8.30 -2.33
CA ALA B 79 -36.75 8.40 -3.57
C ALA B 79 -35.98 7.85 -4.79
N ILE B 80 -34.66 7.70 -4.70
CA ILE B 80 -33.88 7.16 -5.81
C ILE B 80 -34.38 5.77 -6.18
N ALA B 81 -34.50 5.50 -7.47
CA ALA B 81 -34.99 4.20 -7.93
C ALA B 81 -33.91 3.11 -7.75
N PRO B 82 -34.33 1.87 -7.49
CA PRO B 82 -33.36 0.80 -7.19
C PRO B 82 -32.47 0.41 -8.36
N GLU B 83 -32.85 0.70 -9.60
CA GLU B 83 -31.99 0.38 -10.73
C GLU B 83 -30.90 1.42 -10.96
N GLU B 84 -30.94 2.53 -10.22
CA GLU B 84 -29.94 3.57 -10.36
C GLU B 84 -28.71 3.27 -9.53
N ALA B 85 -27.65 4.02 -9.82
CA ALA B 85 -26.42 3.97 -9.05
C ALA B 85 -26.00 5.38 -8.65
N ILE B 86 -25.25 5.45 -7.56
CA ILE B 86 -24.68 6.68 -7.04
C ILE B 86 -23.19 6.43 -6.87
N LEU B 87 -22.37 7.31 -7.44
CA LEU B 87 -20.92 7.21 -7.33
C LEU B 87 -20.41 8.47 -6.64
N LEU B 88 -19.71 8.30 -5.51
CA LEU B 88 -19.18 9.41 -4.74
C LEU B 88 -17.65 9.37 -4.84
N GLU B 89 -17.07 10.49 -5.26
CA GLU B 89 -15.62 10.61 -5.38
C GLU B 89 -15.24 11.95 -4.74
N CYS B 90 -14.50 11.94 -3.63
CA CYS B 90 -14.03 10.76 -2.91
C CYS B 90 -14.03 11.06 -1.39
N ILE B 91 -14.00 9.99 -0.59
CA ILE B 91 -14.07 10.13 0.87
C ILE B 91 -12.90 10.95 1.40
N THR B 92 -11.70 10.73 0.86
CA THR B 92 -10.50 11.41 1.31
C THR B 92 -10.65 12.92 1.28
N THR B 93 -11.20 13.44 0.19
CA THR B 93 -11.38 14.88 0.04
C THR B 93 -12.47 15.40 0.96
N MET B 94 -13.49 14.59 1.26
CA MET B 94 -14.48 15.03 2.21
C MET B 94 -13.86 15.18 3.60
N VAL B 95 -12.95 14.25 3.95
CA VAL B 95 -12.19 14.35 5.22
C VAL B 95 -11.33 15.61 5.24
N THR B 96 -10.55 15.84 4.18
CA THR B 96 -9.67 17.01 4.20
C THR B 96 -10.45 18.31 4.15
N ASN B 97 -11.56 18.34 3.41
CA ASN B 97 -12.40 19.54 3.42
C ASN B 97 -12.90 19.84 4.83
N LEU B 98 -13.31 18.80 5.56
CA LEU B 98 -13.81 19.02 6.92
C LEU B 98 -12.70 19.52 7.84
N LEU B 99 -11.51 18.92 7.76
CA LEU B 99 -10.39 19.42 8.57
C LEU B 99 -10.12 20.89 8.27
N PHE B 100 -10.08 21.25 6.99
CA PHE B 100 -9.74 22.63 6.68
C PHE B 100 -10.86 23.58 7.10
N ALA B 101 -12.11 23.16 6.94
CA ALA B 101 -13.25 23.98 7.34
C ALA B 101 -13.28 24.19 8.84
N LEU B 102 -13.09 23.12 9.62
CA LEU B 102 -13.14 23.25 11.07
C LEU B 102 -11.87 23.88 11.63
N GLY B 103 -10.74 23.69 10.97
CA GLY B 103 -9.49 24.24 11.48
C GLY B 103 -9.40 25.74 11.42
N GLY B 104 -9.89 26.34 10.33
CA GLY B 104 -9.82 27.78 10.22
C GLY B 104 -8.44 28.25 9.77
N ASP B 105 -8.08 29.48 10.14
CA ASP B 105 -6.84 30.08 9.65
C ASP B 105 -5.72 30.10 10.67
N SER B 106 -5.86 29.42 11.81
CA SER B 106 -4.74 29.33 12.73
C SER B 106 -3.76 28.24 12.27
N ASP B 107 -2.59 28.23 12.90
CA ASP B 107 -1.55 27.24 12.62
C ASP B 107 -2.07 25.85 12.92
N PRO B 108 -2.07 24.91 11.97
CA PRO B 108 -2.63 23.58 12.24
C PRO B 108 -1.87 22.78 13.29
N ASP B 109 -0.64 23.17 13.65
CA ASP B 109 0.05 22.51 14.76
C ASP B 109 -0.75 22.60 16.05
N GLY B 110 -1.62 23.60 16.17
CA GLY B 110 -2.35 23.85 17.39
C GLY B 110 -3.77 23.31 17.44
N TRP B 111 -4.24 22.65 16.38
CA TRP B 111 -5.66 22.33 16.23
C TRP B 111 -6.11 21.22 17.18
N ASP B 112 -7.42 21.23 17.48
CA ASP B 112 -8.07 20.21 18.31
C ASP B 112 -8.49 19.07 17.39
N TYR B 113 -7.57 18.14 17.14
CA TYR B 113 -7.88 17.05 16.21
C TYR B 113 -8.90 16.08 16.78
N ALA B 114 -8.99 15.95 18.10
CA ALA B 114 -10.00 15.07 18.69
C ALA B 114 -11.41 15.61 18.41
N ALA B 115 -11.61 16.91 18.60
CA ALA B 115 -12.93 17.48 18.32
C ALA B 115 -13.24 17.42 16.84
N MET B 116 -12.24 17.63 15.99
CA MET B 116 -12.46 17.57 14.54
C MET B 116 -12.86 16.16 14.12
N GLU B 117 -12.25 15.13 14.71
CA GLU B 117 -12.62 13.77 14.33
C GLU B 117 -14.04 13.44 14.79
N ARG B 118 -14.46 13.94 15.95
CA ARG B 118 -15.86 13.73 16.35
C ARG B 118 -16.82 14.31 15.32
N ALA B 119 -16.50 15.50 14.79
CA ALA B 119 -17.36 16.11 13.78
C ALA B 119 -17.35 15.31 12.49
N ILE B 120 -16.17 14.83 12.07
CA ILE B 120 -16.08 14.00 10.89
C ILE B 120 -16.86 12.70 11.09
N ASP B 121 -16.76 12.10 12.29
CA ASP B 121 -17.52 10.89 12.57
C ASP B 121 -19.02 11.14 12.43
N ASP B 122 -19.49 12.31 12.88
CA ASP B 122 -20.90 12.65 12.73
C ASP B 122 -21.30 12.69 11.27
N GLU B 123 -20.45 13.28 10.41
CA GLU B 123 -20.78 13.40 8.99
C GLU B 123 -20.77 12.04 8.30
N ILE B 124 -19.80 11.20 8.65
CA ILE B 124 -19.76 9.84 8.10
C ILE B 124 -20.99 9.05 8.54
N GLY B 125 -21.45 9.25 9.78
CA GLY B 125 -22.68 8.61 10.21
C GLY B 125 -23.89 9.03 9.38
N VAL B 126 -24.01 10.32 9.07
CA VAL B 126 -25.06 10.80 8.17
C VAL B 126 -24.98 10.08 6.82
N LEU B 127 -23.76 9.96 6.29
CA LEU B 127 -23.57 9.32 4.99
C LEU B 127 -23.98 7.85 5.04
N ILE B 128 -23.48 7.11 6.04
CA ILE B 128 -23.78 5.68 6.13
C ILE B 128 -25.28 5.46 6.28
N ALA B 129 -25.94 6.26 7.13
CA ALA B 129 -27.39 6.11 7.33
C ALA B 129 -28.16 6.41 6.04
N ALA B 130 -27.71 7.41 5.28
CA ALA B 130 -28.38 7.73 4.02
C ALA B 130 -28.24 6.59 3.02
N CYS B 131 -27.06 5.97 2.96
CA CYS B 131 -26.89 4.80 2.10
C CYS B 131 -27.84 3.67 2.51
N GLN B 132 -28.02 3.46 3.82
CA GLN B 132 -28.86 2.34 4.24
C GLN B 132 -30.35 2.56 3.98
N ARG B 133 -30.80 3.81 3.75
CA ARG B 133 -32.19 4.05 3.37
C ARG B 133 -32.38 4.24 1.87
N CYS B 134 -31.30 4.11 1.09
CA CYS B 134 -31.34 4.38 -0.37
C CYS B 134 -31.39 3.08 -1.17
N PRO B 135 -32.34 2.94 -2.12
CA PRO B 135 -32.47 1.72 -2.89
C PRO B 135 -31.38 1.52 -3.95
N ALA B 136 -30.62 2.58 -4.20
CA ALA B 136 -29.60 2.51 -5.27
C ALA B 136 -28.38 1.69 -4.87
N HIS B 137 -27.59 1.33 -5.87
CA HIS B 137 -26.27 0.76 -5.57
C HIS B 137 -25.38 1.98 -5.37
N VAL B 138 -24.86 2.12 -4.15
CA VAL B 138 -23.98 3.28 -3.86
C VAL B 138 -22.53 2.81 -3.84
N VAL B 139 -21.71 3.47 -4.64
CA VAL B 139 -20.28 3.15 -4.68
C VAL B 139 -19.53 4.35 -4.13
N LEU B 140 -18.76 4.13 -3.06
CA LEU B 140 -17.92 5.15 -2.45
C LEU B 140 -16.47 4.88 -2.81
N VAL B 141 -15.78 5.88 -3.36
CA VAL B 141 -14.34 5.78 -3.66
C VAL B 141 -13.57 6.46 -2.55
N THR B 142 -12.51 5.80 -2.07
CA THR B 142 -11.63 6.38 -1.05
C THR B 142 -10.19 6.05 -1.41
N ASN B 143 -9.25 6.56 -0.62
CA ASN B 143 -7.82 6.32 -0.84
C ASN B 143 -7.16 5.64 0.33
N GLU B 144 -6.18 4.79 0.00
CA GLU B 144 -5.21 4.31 0.98
C GLU B 144 -4.10 5.35 1.14
N VAL B 145 -3.91 5.89 2.35
CA VAL B 145 -2.91 6.94 2.56
C VAL B 145 -1.97 6.57 3.69
N GLY B 146 -2.06 5.32 4.17
CA GLY B 146 -1.36 4.92 5.38
C GLY B 146 -0.16 4.01 5.24
N MET B 147 0.34 3.73 4.03
CA MET B 147 1.45 2.79 3.89
C MET B 147 2.75 3.44 3.47
N GLY B 148 2.92 4.74 3.76
CA GLY B 148 4.19 5.40 3.70
C GLY B 148 4.78 5.58 5.08
N ILE B 149 5.67 6.54 5.20
CA ILE B 149 6.40 6.84 6.43
C ILE B 149 5.63 7.87 7.24
N VAL B 150 5.71 7.78 8.56
CA VAL B 150 5.02 8.74 9.43
C VAL B 150 5.35 10.18 9.01
N PRO B 151 4.34 11.00 8.74
CA PRO B 151 4.61 12.36 8.25
C PRO B 151 5.26 13.24 9.31
N GLU B 152 6.09 14.18 8.83
CA GLU B 152 6.81 15.09 9.72
C GLU B 152 5.96 16.30 10.14
N ASN B 153 4.75 16.39 9.63
CA ASN B 153 3.81 17.49 9.84
C ASN B 153 2.63 16.98 10.66
N ARG B 154 2.24 17.74 11.69
CA ARG B 154 1.20 17.28 12.61
CA ARG B 154 1.20 17.27 12.60
C ARG B 154 -0.14 17.08 11.90
N LEU B 155 -0.52 18.03 11.05
CA LEU B 155 -1.78 17.91 10.30
C LEU B 155 -1.80 16.64 9.45
N ALA B 156 -0.71 16.39 8.73
CA ALA B 156 -0.64 15.19 7.89
C ALA B 156 -0.70 13.91 8.72
N ARG B 157 -0.03 13.90 9.88
CA ARG B 157 -0.09 12.73 10.76
C ARG B 157 -1.52 12.45 11.20
N HIS B 158 -2.24 13.49 11.64
CA HIS B 158 -3.60 13.27 12.10
C HIS B 158 -4.54 12.96 10.96
N PHE B 159 -4.34 13.60 9.80
CA PHE B 159 -5.15 13.24 8.63
C PHE B 159 -5.02 11.75 8.30
N ARG B 160 -3.78 11.26 8.32
CA ARG B 160 -3.54 9.85 8.00
C ARG B 160 -4.30 8.93 8.94
N ASP B 161 -4.26 9.23 10.24
CA ASP B 161 -4.93 8.39 11.23
C ASP B 161 -6.45 8.47 11.10
N ILE B 162 -7.00 9.68 10.91
CA ILE B 162 -8.45 9.82 10.79
C ILE B 162 -8.94 9.13 9.53
N ALA B 163 -8.24 9.34 8.41
CA ALA B 163 -8.64 8.72 7.16
C ALA B 163 -8.65 7.20 7.28
N GLY B 164 -7.66 6.64 8.00
CA GLY B 164 -7.64 5.19 8.20
C GLY B 164 -8.82 4.69 8.99
N ARG B 165 -9.17 5.37 10.08
CA ARG B 165 -10.32 4.97 10.87
C ARG B 165 -11.62 5.13 10.09
N VAL B 166 -11.74 6.20 9.30
CA VAL B 166 -12.96 6.38 8.49
C VAL B 166 -13.11 5.23 7.51
N ASN B 167 -12.02 4.83 6.86
CA ASN B 167 -12.10 3.76 5.88
C ASN B 167 -12.47 2.43 6.54
N GLN B 168 -11.95 2.16 7.75
CA GLN B 168 -12.36 0.96 8.47
C GLN B 168 -13.86 0.95 8.72
N ARG B 169 -14.41 2.10 9.11
CA ARG B 169 -15.84 2.16 9.41
C ARG B 169 -16.67 1.96 8.15
N LEU B 170 -16.26 2.56 7.02
CA LEU B 170 -17.00 2.39 5.78
C LEU B 170 -16.92 0.95 5.27
N ALA B 171 -15.77 0.29 5.42
CA ALA B 171 -15.64 -1.07 4.93
C ALA B 171 -16.50 -2.02 5.74
N ALA B 172 -16.64 -1.77 7.05
CA ALA B 172 -17.48 -2.61 7.89
C ALA B 172 -18.93 -2.50 7.49
N ALA B 173 -19.36 -1.29 7.09
CA ALA B 173 -20.75 -1.05 6.70
C ALA B 173 -21.04 -1.49 5.27
N ALA B 174 -20.01 -1.55 4.43
CA ALA B 174 -20.17 -1.92 3.03
C ALA B 174 -20.50 -3.40 2.87
N ASP B 175 -21.31 -3.69 1.84
CA ASP B 175 -21.54 -5.06 1.45
C ASP B 175 -20.35 -5.66 0.70
N ALA B 176 -19.64 -4.84 -0.08
CA ALA B 176 -18.51 -5.29 -0.88
C ALA B 176 -17.39 -4.27 -0.76
N VAL B 177 -16.15 -4.76 -0.73
CA VAL B 177 -14.97 -3.90 -0.68
C VAL B 177 -13.98 -4.37 -1.73
N TRP B 178 -13.48 -3.43 -2.54
CA TRP B 178 -12.45 -3.69 -3.54
C TRP B 178 -11.20 -2.88 -3.25
N LEU B 179 -10.04 -3.51 -3.42
CA LEU B 179 -8.74 -2.84 -3.41
C LEU B 179 -8.25 -2.83 -4.86
N VAL B 180 -7.96 -1.65 -5.40
CA VAL B 180 -7.51 -1.52 -6.79
C VAL B 180 -6.02 -1.22 -6.77
N VAL B 181 -5.23 -2.08 -7.44
CA VAL B 181 -3.78 -1.97 -7.48
C VAL B 181 -3.36 -1.97 -8.94
N SER B 182 -2.69 -0.90 -9.39
CA SER B 182 -2.22 -0.80 -10.77
C SER B 182 -3.35 -1.05 -11.76
N GLY B 183 -4.54 -0.54 -11.43
CA GLY B 183 -5.69 -0.69 -12.31
C GLY B 183 -6.49 -1.97 -12.12
N ILE B 184 -5.98 -2.95 -11.38
CA ILE B 184 -6.61 -4.26 -11.22
C ILE B 184 -7.44 -4.28 -9.94
N GLY B 185 -8.73 -4.60 -10.04
CA GLY B 185 -9.57 -4.68 -8.86
C GLY B 185 -9.50 -6.03 -8.18
N VAL B 186 -9.29 -6.02 -6.87
CA VAL B 186 -9.24 -7.24 -6.06
C VAL B 186 -10.38 -7.16 -5.05
N LYS B 187 -11.34 -8.09 -5.14
CA LYS B 187 -12.44 -8.13 -4.19
C LYS B 187 -11.94 -8.71 -2.87
N ILE B 188 -11.98 -7.92 -1.80
CA ILE B 188 -11.53 -8.40 -0.49
C ILE B 188 -12.68 -8.56 0.50
N LYS B 189 -13.88 -8.08 0.18
CA LYS B 189 -15.08 -8.45 0.92
C LYS B 189 -16.19 -8.56 -0.09
N HIS C 6 -3.54 -21.90 16.26
CA HIS C 6 -3.31 -23.12 17.03
C HIS C 6 -1.87 -23.18 17.54
N HIS C 7 -1.50 -24.28 18.17
CA HIS C 7 -0.21 -24.34 18.83
C HIS C 7 0.93 -24.39 17.82
N HIS C 8 2.12 -23.99 18.28
CA HIS C 8 3.34 -24.03 17.47
C HIS C 8 3.13 -23.34 16.13
N MET C 9 2.59 -22.14 16.18
CA MET C 9 2.24 -21.40 14.99
C MET C 9 2.75 -19.98 15.11
N LEU C 10 3.23 -19.43 13.99
CA LEU C 10 3.68 -18.05 13.93
C LEU C 10 2.86 -17.33 12.86
N THR C 11 2.15 -16.26 13.26
CA THR C 11 1.38 -15.46 12.33
C THR C 11 1.92 -14.05 12.30
N LEU C 12 2.10 -13.50 11.09
CA LEU C 12 2.45 -12.10 10.86
C LEU C 12 1.22 -11.35 10.35
N VAL C 13 0.91 -10.20 10.96
CA VAL C 13 -0.19 -9.32 10.53
C VAL C 13 0.44 -8.00 10.13
N THR C 14 0.24 -7.59 8.86
CA THR C 14 0.78 -6.34 8.39
C THR C 14 -0.33 -5.50 7.76
N GLY C 15 -0.02 -4.23 7.55
CA GLY C 15 -0.99 -3.26 7.08
C GLY C 15 -0.43 -1.86 7.31
N GLY C 16 -1.19 -0.88 6.83
CA GLY C 16 -0.83 0.52 6.99
C GLY C 16 -1.22 1.09 8.34
N ALA C 17 -1.00 2.39 8.49
CA ALA C 17 -1.36 3.09 9.70
C ALA C 17 -2.88 3.13 9.85
N ARG C 18 -3.36 2.78 11.04
CA ARG C 18 -4.80 2.74 11.36
C ARG C 18 -5.56 1.98 10.27
N SER C 19 -5.09 0.76 10.01
CA SER C 19 -5.71 -0.14 9.05
C SER C 19 -6.56 -1.21 9.71
N GLY C 20 -6.62 -1.22 11.04
CA GLY C 20 -7.32 -2.26 11.75
C GLY C 20 -6.54 -3.52 12.00
N LYS C 21 -5.21 -3.45 11.91
CA LYS C 21 -4.48 -4.70 12.07
C LYS C 21 -4.48 -5.18 13.52
N SER C 22 -4.54 -4.27 14.50
CA SER C 22 -4.59 -4.72 15.89
C SER C 22 -5.91 -5.42 16.20
N ARG C 23 -7.03 -4.89 15.69
CA ARG C 23 -8.30 -5.54 15.90
C ARG C 23 -8.34 -6.91 15.23
N HIS C 24 -7.73 -7.01 14.04
CA HIS C 24 -7.67 -8.32 13.36
C HIS C 24 -6.82 -9.31 14.15
N ALA C 25 -5.66 -8.86 14.64
CA ALA C 25 -4.80 -9.73 15.42
C ALA C 25 -5.49 -10.21 16.68
N GLU C 26 -6.22 -9.31 17.35
CA GLU C 26 -6.98 -9.70 18.53
C GLU C 26 -8.02 -10.77 18.19
N ALA C 27 -8.69 -10.63 17.03
CA ALA C 27 -9.66 -11.62 16.61
C ALA C 27 -9.04 -12.99 16.41
N LEU C 28 -7.80 -13.03 15.94
CA LEU C 28 -7.14 -14.32 15.70
C LEU C 28 -6.93 -15.11 17.00
N ILE C 29 -6.75 -14.42 18.13
CA ILE C 29 -6.42 -15.08 19.38
C ILE C 29 -7.60 -14.99 20.37
N ALA C 30 -8.79 -14.68 19.86
CA ALA C 30 -9.94 -14.44 20.71
C ALA C 30 -10.28 -15.62 21.63
N ASP C 31 -9.93 -16.83 21.22
CA ASP C 31 -10.30 -18.02 21.97
C ASP C 31 -9.26 -18.42 23.01
N ALA C 32 -8.09 -17.79 23.02
CA ALA C 32 -7.02 -18.23 23.90
C ALA C 32 -7.39 -17.99 25.36
N PRO C 33 -7.20 -18.98 26.24
CA PRO C 33 -7.54 -18.77 27.66
C PRO C 33 -6.62 -17.81 28.38
N GLN C 34 -5.38 -17.67 27.92
CA GLN C 34 -4.43 -16.70 28.47
C GLN C 34 -3.65 -16.10 27.31
N VAL C 35 -3.28 -14.83 27.46
CA VAL C 35 -2.55 -14.10 26.43
C VAL C 35 -1.40 -13.34 27.08
N LEU C 36 -0.22 -13.46 26.49
CA LEU C 36 0.90 -12.60 26.83
C LEU C 36 0.97 -11.50 25.78
N TYR C 37 0.77 -10.26 26.22
CA TYR C 37 0.84 -9.10 25.32
C TYR C 37 2.19 -8.43 25.50
N ILE C 38 3.00 -8.44 24.44
CA ILE C 38 4.33 -7.84 24.49
C ILE C 38 4.24 -6.46 23.86
N ALA C 39 4.27 -5.43 24.69
CA ALA C 39 4.20 -4.05 24.20
C ALA C 39 5.60 -3.52 23.97
N THR C 40 5.84 -2.99 22.76
CA THR C 40 7.17 -2.52 22.42
C THR C 40 7.35 -1.04 22.64
N SER C 41 6.31 -0.35 23.13
CA SER C 41 6.26 1.08 23.51
C SER C 41 5.39 1.83 22.51
N ASP C 57 -4.51 -0.21 30.49
CA ASP C 57 -5.52 0.04 31.52
C ASP C 57 -6.82 -0.68 31.21
N GLY C 58 -7.11 -0.96 29.94
CA GLY C 58 -8.31 -1.66 29.54
C GLY C 58 -8.12 -3.10 29.09
N ARG C 59 -6.93 -3.67 29.25
CA ARG C 59 -6.72 -5.04 28.82
C ARG C 59 -7.49 -6.01 29.73
N PRO C 60 -8.01 -7.11 29.18
CA PRO C 60 -8.74 -8.08 30.01
C PRO C 60 -7.83 -8.72 31.06
N ALA C 61 -8.47 -9.31 32.07
CA ALA C 61 -7.73 -9.86 33.19
C ALA C 61 -6.87 -11.06 32.77
N HIS C 62 -7.31 -11.84 31.79
CA HIS C 62 -6.54 -12.99 31.34
C HIS C 62 -5.44 -12.61 30.36
N TRP C 63 -5.23 -11.32 30.13
CA TRP C 63 -4.05 -10.82 29.45
C TRP C 63 -3.02 -10.39 30.48
N ARG C 64 -1.76 -10.74 30.23
CA ARG C 64 -0.64 -10.17 30.96
C ARG C 64 0.21 -9.37 30.00
N THR C 65 0.59 -8.17 30.44
CA THR C 65 1.32 -7.23 29.62
C THR C 65 2.77 -7.21 30.07
N ALA C 66 3.69 -7.23 29.11
CA ALA C 66 5.12 -7.08 29.40
C ALA C 66 5.69 -6.09 28.41
N GLU C 67 6.48 -5.14 28.90
CA GLU C 67 7.12 -4.15 28.05
C GLU C 67 8.52 -4.63 27.71
N ARG C 68 8.77 -4.90 26.42
CA ARG C 68 10.03 -5.50 26.02
C ARG C 68 10.19 -5.31 24.51
N TRP C 69 11.42 -5.01 24.08
CA TRP C 69 11.68 -4.97 22.64
C TRP C 69 13.09 -5.44 22.30
N GLN C 70 13.72 -6.20 23.20
CA GLN C 70 15.03 -6.79 22.92
C GLN C 70 15.16 -8.07 23.74
N GLN C 71 16.06 -8.95 23.30
CA GLN C 71 16.27 -10.24 23.96
C GLN C 71 14.95 -10.95 24.24
N LEU C 72 14.14 -11.07 23.19
CA LEU C 72 12.77 -11.52 23.36
C LEU C 72 12.66 -13.01 23.68
N ASP C 73 13.75 -13.78 23.53
CA ASP C 73 13.72 -15.18 23.93
C ASP C 73 13.56 -15.33 25.43
N GLU C 74 13.74 -14.24 26.19
CA GLU C 74 13.54 -14.31 27.62
C GLU C 74 12.06 -14.26 28.01
N LEU C 75 11.19 -13.79 27.12
CA LEU C 75 9.74 -13.79 27.35
C LEU C 75 8.99 -14.81 26.51
N ILE C 76 9.44 -15.07 25.29
CA ILE C 76 8.81 -16.06 24.41
C ILE C 76 9.60 -17.34 24.62
N THR C 77 9.13 -18.19 25.55
CA THR C 77 9.94 -19.28 26.09
C THR C 77 9.30 -20.63 25.80
N PRO C 78 10.08 -21.71 25.86
CA PRO C 78 9.51 -23.05 25.69
C PRO C 78 8.51 -23.41 26.77
N ALA C 79 8.54 -22.75 27.93
CA ALA C 79 7.69 -23.17 29.04
C ALA C 79 6.24 -22.70 28.89
N ILE C 80 5.97 -21.74 28.00
CA ILE C 80 4.60 -21.29 27.76
C ILE C 80 3.73 -22.45 27.28
N ALA C 81 2.46 -22.49 27.77
CA ALA C 81 1.52 -23.55 27.46
C ALA C 81 0.99 -23.44 26.04
N PRO C 82 0.74 -24.59 25.38
CA PRO C 82 0.34 -24.54 23.96
C PRO C 82 -1.00 -23.87 23.72
N GLU C 83 -1.91 -23.90 24.69
CA GLU C 83 -3.21 -23.26 24.54
C GLU C 83 -3.16 -21.74 24.68
N GLU C 84 -2.04 -21.18 25.11
CA GLU C 84 -1.98 -19.72 25.24
C GLU C 84 -1.60 -19.06 23.91
N ALA C 85 -1.72 -17.74 23.89
CA ALA C 85 -1.30 -16.97 22.72
C ALA C 85 -0.39 -15.84 23.18
N ILE C 86 0.47 -15.41 22.27
CA ILE C 86 1.36 -14.27 22.48
C ILE C 86 1.08 -13.27 21.36
N LEU C 87 0.81 -12.02 21.74
CA LEU C 87 0.60 -10.95 20.76
C LEU C 87 1.69 -9.89 20.97
N LEU C 88 2.49 -9.63 19.93
CA LEU C 88 3.52 -8.60 19.99
C LEU C 88 3.06 -7.39 19.19
N GLU C 89 2.96 -6.23 19.83
CA GLU C 89 2.65 -4.99 19.13
C GLU C 89 3.73 -3.98 19.50
N CYS C 90 4.52 -3.51 18.53
CA CYS C 90 4.55 -3.92 17.12
C CYS C 90 6.01 -3.91 16.63
N ILE C 91 6.28 -4.58 15.51
CA ILE C 91 7.64 -4.76 15.03
C ILE C 91 8.28 -3.42 14.63
N THR C 92 7.49 -2.53 14.00
CA THR C 92 7.99 -1.22 13.57
C THR C 92 8.58 -0.44 14.74
N THR C 93 7.84 -0.40 15.86
CA THR C 93 8.32 0.31 17.04
C THR C 93 9.54 -0.36 17.66
N MET C 94 9.60 -1.71 17.62
CA MET C 94 10.81 -2.38 18.07
C MET C 94 12.01 -1.90 17.26
N VAL C 95 11.84 -1.79 15.93
CA VAL C 95 12.93 -1.35 15.05
C VAL C 95 13.35 0.08 15.40
N THR C 96 12.37 0.99 15.54
CA THR C 96 12.69 2.38 15.87
CA THR C 96 12.77 2.35 15.84
C THR C 96 13.37 2.46 17.24
N ASN C 97 12.89 1.67 18.21
CA ASN C 97 13.51 1.69 19.54
C ASN C 97 14.96 1.25 19.48
N LEU C 98 15.27 0.26 18.64
CA LEU C 98 16.65 -0.19 18.56
C LEU C 98 17.53 0.86 17.88
N LEU C 99 17.02 1.54 16.84
CA LEU C 99 17.79 2.61 16.23
C LEU C 99 18.12 3.69 17.25
N PHE C 100 17.13 4.12 18.03
CA PHE C 100 17.40 5.22 18.96
C PHE C 100 18.18 4.76 20.18
N ALA C 101 18.12 3.47 20.52
CA ALA C 101 18.95 2.95 21.60
C ALA C 101 20.43 3.06 21.24
N LEU C 102 20.76 2.80 19.97
CA LEU C 102 22.14 2.84 19.49
C LEU C 102 22.58 4.24 19.11
N GLY C 103 21.67 5.09 18.64
CA GLY C 103 22.01 6.44 18.22
C GLY C 103 21.88 7.50 19.30
N GLY C 104 20.97 7.29 20.24
CA GLY C 104 20.73 8.31 21.26
C GLY C 104 20.03 9.53 20.67
N ASP C 105 20.43 10.71 21.15
CA ASP C 105 19.90 11.97 20.68
C ASP C 105 20.80 12.65 19.66
N SER C 106 21.86 11.97 19.21
CA SER C 106 22.75 12.54 18.20
C SER C 106 22.00 12.69 16.87
N ASP C 107 22.60 13.48 15.98
CA ASP C 107 22.10 13.77 14.65
C ASP C 107 21.99 12.47 13.86
N PRO C 108 20.79 12.01 13.51
CA PRO C 108 20.67 10.73 12.79
C PRO C 108 21.30 10.77 11.39
N ASP C 109 21.60 11.95 10.85
CA ASP C 109 22.33 12.00 9.58
C ASP C 109 23.65 11.23 9.65
N GLY C 110 24.25 11.16 10.84
CA GLY C 110 25.56 10.57 10.96
C GLY C 110 25.61 9.10 11.38
N TRP C 111 24.46 8.49 11.65
CA TRP C 111 24.41 7.12 12.16
C TRP C 111 24.97 6.12 11.16
N ASP C 112 25.59 5.05 11.68
CA ASP C 112 26.07 3.97 10.82
C ASP C 112 24.91 2.98 10.69
N TYR C 113 24.14 3.12 9.61
CA TYR C 113 22.94 2.31 9.42
C TYR C 113 23.25 0.86 9.07
N ALA C 114 24.42 0.58 8.50
CA ALA C 114 24.83 -0.80 8.30
C ALA C 114 25.03 -1.51 9.63
N ALA C 115 25.74 -0.86 10.57
CA ALA C 115 25.94 -1.47 11.87
C ALA C 115 24.62 -1.57 12.63
N MET C 116 23.74 -0.58 12.45
CA MET C 116 22.48 -0.58 13.17
C MET C 116 21.59 -1.69 12.64
N GLU C 117 21.61 -1.93 11.33
CA GLU C 117 20.81 -3.03 10.78
C GLU C 117 21.35 -4.38 11.20
N ARG C 118 22.67 -4.52 11.34
CA ARG C 118 23.20 -5.77 11.86
C ARG C 118 22.69 -6.04 13.28
N ALA C 119 22.61 -4.99 14.11
CA ALA C 119 22.12 -5.17 15.48
C ALA C 119 20.64 -5.54 15.49
N ILE C 120 19.85 -4.90 14.63
CA ILE C 120 18.44 -5.25 14.51
C ILE C 120 18.29 -6.68 14.01
N ASP C 121 19.11 -7.06 13.02
CA ASP C 121 19.08 -8.44 12.52
C ASP C 121 19.35 -9.43 13.64
N ASP C 122 20.29 -9.11 14.54
CA ASP C 122 20.56 -9.98 15.68
C ASP C 122 19.28 -10.17 16.50
N GLU C 123 18.58 -9.08 16.81
CA GLU C 123 17.39 -9.20 17.67
C GLU C 123 16.26 -9.91 16.96
N ILE C 124 16.05 -9.65 15.67
CA ILE C 124 14.99 -10.32 14.92
C ILE C 124 15.27 -11.80 14.81
N GLY C 125 16.55 -12.17 14.65
CA GLY C 125 16.90 -13.59 14.64
C GLY C 125 16.58 -14.29 15.94
N VAL C 126 16.88 -13.63 17.08
CA VAL C 126 16.52 -14.17 18.38
C VAL C 126 15.01 -14.32 18.50
N LEU C 127 14.26 -13.31 18.03
CA LEU C 127 12.80 -13.41 18.08
C LEU C 127 12.29 -14.58 17.27
N ILE C 128 12.79 -14.75 16.04
CA ILE C 128 12.32 -15.84 15.19
C ILE C 128 12.65 -17.20 15.83
N ALA C 129 13.87 -17.36 16.31
CA ALA C 129 14.26 -18.62 16.95
C ALA C 129 13.41 -18.90 18.17
N ALA C 130 13.09 -17.85 18.93
CA ALA C 130 12.29 -18.04 20.13
C ALA C 130 10.88 -18.51 19.79
N CYS C 131 10.30 -17.92 18.73
CA CYS C 131 8.97 -18.34 18.29
C CYS C 131 8.98 -19.80 17.87
N GLN C 132 10.04 -20.23 17.21
CA GLN C 132 10.06 -21.61 16.73
C GLN C 132 10.28 -22.64 17.83
N ARG C 133 10.69 -22.21 19.02
CA ARG C 133 10.81 -23.11 20.16
C ARG C 133 9.65 -22.98 21.16
N CYS C 134 8.65 -22.16 20.85
CA CYS C 134 7.55 -21.82 21.76
C CYS C 134 6.27 -22.54 21.35
N PRO C 135 5.59 -23.24 22.27
CA PRO C 135 4.35 -23.94 21.89
C PRO C 135 3.17 -23.03 21.62
N ALA C 136 3.25 -21.75 21.97
CA ALA C 136 2.07 -20.91 21.85
C ALA C 136 1.87 -20.50 20.39
N HIS C 137 0.65 -20.07 20.07
CA HIS C 137 0.44 -19.29 18.85
C HIS C 137 1.00 -17.90 19.07
N VAL C 138 2.01 -17.53 18.29
CA VAL C 138 2.57 -16.18 18.36
C VAL C 138 2.05 -15.37 17.19
N VAL C 139 1.52 -14.18 17.48
CA VAL C 139 1.04 -13.23 16.46
C VAL C 139 1.90 -11.97 16.56
N LEU C 140 2.58 -11.62 15.46
CA LEU C 140 3.40 -10.41 15.39
C LEU C 140 2.70 -9.39 14.51
N VAL C 141 2.54 -8.16 15.01
CA VAL C 141 1.95 -7.08 14.22
C VAL C 141 3.07 -6.17 13.71
N THR C 142 3.00 -5.81 12.43
CA THR C 142 3.98 -4.93 11.83
C THR C 142 3.27 -3.97 10.89
N ASN C 143 4.04 -3.02 10.32
CA ASN C 143 3.50 -2.01 9.41
C ASN C 143 4.16 -2.08 8.04
N GLU C 144 3.35 -1.84 7.01
CA GLU C 144 3.85 -1.53 5.67
C GLU C 144 4.18 -0.05 5.63
N VAL C 145 5.44 0.28 5.30
CA VAL C 145 5.88 1.68 5.26
C VAL C 145 6.55 2.02 3.94
N GLY C 146 6.48 1.11 2.97
CA GLY C 146 7.26 1.26 1.74
C GLY C 146 6.51 1.61 0.48
N MET C 147 5.23 1.97 0.56
CA MET C 147 4.47 2.23 -0.66
C MET C 147 4.16 3.71 -0.90
N GLY C 148 4.96 4.60 -0.30
CA GLY C 148 4.95 6.02 -0.59
C GLY C 148 6.16 6.44 -1.42
N ILE C 149 6.48 7.74 -1.34
CA ILE C 149 7.58 8.34 -2.09
C ILE C 149 8.88 8.23 -1.30
N VAL C 150 10.02 8.13 -1.99
CA VAL C 150 11.30 8.04 -1.27
C VAL C 150 11.46 9.23 -0.34
N PRO C 151 11.75 9.03 0.95
CA PRO C 151 11.82 10.16 1.89
C PRO C 151 12.97 11.09 1.58
N GLU C 152 12.81 12.37 1.93
CA GLU C 152 13.87 13.34 1.76
C GLU C 152 14.76 13.47 2.97
N ASN C 153 14.58 12.62 3.97
CA ASN C 153 15.36 12.62 5.20
C ASN C 153 16.14 11.31 5.28
N ARG C 154 17.43 11.39 5.68
CA ARG C 154 18.29 10.20 5.62
C ARG C 154 17.80 9.10 6.55
N LEU C 155 17.42 9.46 7.78
CA LEU C 155 16.91 8.45 8.71
C LEU C 155 15.65 7.78 8.18
N ALA C 156 14.73 8.55 7.61
CA ALA C 156 13.49 7.97 7.09
C ALA C 156 13.77 7.03 5.93
N ARG C 157 14.71 7.38 5.05
CA ARG C 157 15.03 6.50 3.93
C ARG C 157 15.60 5.17 4.42
N HIS C 158 16.53 5.23 5.37
CA HIS C 158 17.14 3.99 5.84
C HIS C 158 16.15 3.17 6.65
N PHE C 159 15.33 3.84 7.48
CA PHE C 159 14.32 3.11 8.24
C PHE C 159 13.36 2.37 7.30
N ARG C 160 12.95 3.02 6.21
CA ARG C 160 12.05 2.39 5.26
C ARG C 160 12.64 1.11 4.69
N ASP C 161 13.94 1.14 4.37
CA ASP C 161 14.59 -0.03 3.81
C ASP C 161 14.75 -1.13 4.85
N ILE C 162 15.18 -0.77 6.05
CA ILE C 162 15.37 -1.76 7.12
C ILE C 162 14.05 -2.42 7.48
N ALA C 163 13.00 -1.61 7.63
CA ALA C 163 11.69 -2.16 7.99
C ALA C 163 11.20 -3.13 6.93
N GLY C 164 11.46 -2.81 5.66
CA GLY C 164 11.01 -3.69 4.59
C GLY C 164 11.76 -5.02 4.60
N ARG C 165 13.08 -4.99 4.82
CA ARG C 165 13.82 -6.24 4.90
C ARG C 165 13.42 -7.05 6.14
N VAL C 166 13.19 -6.38 7.27
CA VAL C 166 12.75 -7.12 8.47
C VAL C 166 11.43 -7.84 8.20
N ASN C 167 10.49 -7.15 7.53
CA ASN C 167 9.18 -7.75 7.30
C ASN C 167 9.29 -8.95 6.35
N GLN C 168 10.19 -8.88 5.36
CA GLN C 168 10.40 -10.03 4.49
C GLN C 168 10.89 -11.23 5.28
N ARG C 169 11.82 -11.00 6.21
CA ARG C 169 12.36 -12.10 7.00
C ARG C 169 11.29 -12.71 7.90
N LEU C 170 10.47 -11.88 8.55
CA LEU C 170 9.42 -12.41 9.41
C LEU C 170 8.37 -13.16 8.60
N ALA C 171 8.01 -12.66 7.41
CA ALA C 171 6.98 -13.31 6.62
C ALA C 171 7.45 -14.67 6.14
N ALA C 172 8.74 -14.78 5.82
CA ALA C 172 9.29 -16.06 5.38
C ALA C 172 9.27 -17.09 6.51
N ALA C 173 9.52 -16.65 7.75
CA ALA C 173 9.48 -17.56 8.89
C ALA C 173 8.04 -17.90 9.32
N ALA C 174 7.09 -17.01 9.06
CA ALA C 174 5.72 -17.21 9.55
C ALA C 174 5.02 -18.35 8.81
N ASP C 175 4.13 -19.03 9.55
CA ASP C 175 3.24 -20.01 8.92
C ASP C 175 2.11 -19.33 8.17
N ALA C 176 1.64 -18.17 8.66
CA ALA C 176 0.54 -17.44 8.05
C ALA C 176 0.88 -15.96 8.03
N VAL C 177 0.45 -15.27 6.96
CA VAL C 177 0.65 -13.83 6.84
C VAL C 177 -0.68 -13.22 6.41
N TRP C 178 -1.12 -12.20 7.14
CA TRP C 178 -2.31 -11.44 6.78
C TRP C 178 -1.92 -10.02 6.40
N LEU C 179 -2.55 -9.49 5.34
CA LEU C 179 -2.48 -8.08 4.97
C LEU C 179 -3.85 -7.49 5.28
N VAL C 180 -3.90 -6.52 6.18
CA VAL C 180 -5.17 -5.90 6.57
C VAL C 180 -5.29 -4.56 5.85
N VAL C 181 -6.39 -4.41 5.10
CA VAL C 181 -6.65 -3.20 4.31
C VAL C 181 -8.02 -2.66 4.70
N SER C 182 -8.08 -1.40 5.16
CA SER C 182 -9.34 -0.79 5.58
C SER C 182 -10.12 -1.69 6.53
N GLY C 183 -9.39 -2.39 7.41
CA GLY C 183 -10.00 -3.25 8.40
C GLY C 183 -10.28 -4.67 7.98
N ILE C 184 -10.10 -4.99 6.70
CA ILE C 184 -10.42 -6.31 6.15
C ILE C 184 -9.13 -7.12 6.07
N GLY C 185 -9.10 -8.28 6.73
CA GLY C 185 -7.93 -9.15 6.67
C GLY C 185 -7.92 -10.00 5.42
N VAL C 186 -6.77 -10.00 4.73
CA VAL C 186 -6.55 -10.78 3.51
C VAL C 186 -5.42 -11.76 3.80
N LYS C 187 -5.72 -13.05 3.74
CA LYS C 187 -4.71 -14.08 4.03
C LYS C 187 -3.87 -14.28 2.77
N ILE C 188 -2.59 -13.92 2.83
CA ILE C 188 -1.72 -14.04 1.66
C ILE C 188 -0.71 -15.16 1.78
N LYS C 189 -0.52 -15.73 2.97
CA LYS C 189 0.24 -16.96 3.17
C LYS C 189 -0.51 -17.82 4.18
#